data_8DVG
#
_entry.id   8DVG
#
_cell.length_a   152.893
_cell.length_b   152.893
_cell.length_c   85.195
_cell.angle_alpha   90.00
_cell.angle_beta   90.00
_cell.angle_gamma   120.00
#
_symmetry.space_group_name_H-M   'P 6 2 2'
#
loop_
_entity.id
_entity.type
_entity.pdbx_description
1 polymer 'HLA class I histocompatibility antigen, A-3 alpha chain'
2 polymer Beta-2-microglobulin
3 polymer VAL-VAL-VAL-GLY-ALA-GLY-GLY-VAL-GLY-LYS
4 non-polymer 'SULFATE ION'
5 non-polymer DI(HYDROXYETHYL)ETHER
6 water water
#
loop_
_entity_poly.entity_id
_entity_poly.type
_entity_poly.pdbx_seq_one_letter_code
_entity_poly.pdbx_strand_id
1 'polypeptide(L)'
;MASGSHSMRYFFTSVSRPGRGEPRFIAVGYVDDTQFVRFDSDAASQRMEPRAPWIEQEGPEYWDQETRNVKAQSQTDRVD
LGTLRGYYNQSEAGSHTIQIMYGCDVGSDGRFLRGYRQDAYDGKDYIALNEDLRSWTAADMAAQITKRKWEAAHEAEQLR
AYLDGTCVEWLRRYLENGKETLQRTDPPKTHMTHHPISDHEATLRCWALGFYPAEITLTWQRDGEDQTQDTELVETRPAG
DGTFQKWAAVVVPSGEEQRYTCHVQHEGLPKPLTLRWELSSQPGSLHHILDAQKMVWNHR
;
A
2 'polypeptide(L)'
;MSRSVALAVLALLSLSGLEAIQRTPKIQVYSRHPAENGKSNFLNCYVSGFHPSDIEVDLLKNGERIEKVEHSDLSFSKDW
SFYLLYYTEFTPTEKDEYACRVNHVTLSQPKIVKWDRDM
;
B
3 'polypeptide(L)' VVVGAGGVGK C
#
loop_
_chem_comp.id
_chem_comp.type
_chem_comp.name
_chem_comp.formula
PEG non-polymer DI(HYDROXYETHYL)ETHER 'C4 H10 O3'
SO4 non-polymer 'SULFATE ION' 'O4 S -2'
#
# COMPACT_ATOMS: atom_id res chain seq x y z
N GLY A 4 6.72 19.19 0.22
CA GLY A 4 8.14 18.89 0.33
C GLY A 4 8.52 18.16 1.60
N SER A 5 7.50 17.58 2.22
CA SER A 5 7.67 16.84 3.49
C SER A 5 8.03 15.38 3.24
N HIS A 6 8.64 14.74 4.22
CA HIS A 6 9.02 13.35 4.09
C HIS A 6 8.53 12.56 5.30
N SER A 7 8.53 11.24 5.16
CA SER A 7 8.01 10.36 6.18
C SER A 7 8.78 9.04 6.16
N MET A 8 8.88 8.42 7.33
CA MET A 8 9.35 7.05 7.47
C MET A 8 8.25 6.26 8.17
N ARG A 9 7.89 5.12 7.58
CA ARG A 9 6.78 4.31 8.12
C ARG A 9 7.13 2.82 8.12
N TYR A 10 6.69 2.11 9.15
CA TYR A 10 6.90 0.68 9.28
C TYR A 10 5.53 0.00 9.39
N PHE A 11 5.35 -1.01 8.54
CA PHE A 11 4.08 -1.74 8.49
C PHE A 11 4.30 -3.19 8.94
N PHE A 12 3.47 -3.65 9.87
CA PHE A 12 3.59 -5.00 10.39
C PHE A 12 2.26 -5.72 10.24
N THR A 13 2.33 -7.00 9.89
CA THR A 13 1.14 -7.85 9.79
C THR A 13 1.44 -9.19 10.44
N SER A 14 0.57 -9.60 11.36
CA SER A 14 0.68 -10.89 12.04
C SER A 14 -0.62 -11.65 11.83
N VAL A 15 -0.53 -12.83 11.23
CA VAL A 15 -1.68 -13.65 10.89
C VAL A 15 -1.51 -15.01 11.54
N SER A 16 -2.40 -15.34 12.47
CA SER A 16 -2.34 -16.62 13.16
C SER A 16 -2.71 -17.75 12.20
N ARG A 17 -2.10 -18.92 12.43
CA ARG A 17 -2.30 -20.11 11.60
C ARG A 17 -2.56 -21.29 12.52
N PRO A 18 -3.79 -21.42 13.02
CA PRO A 18 -4.07 -22.48 14.01
C PRO A 18 -3.81 -23.86 13.43
N GLY A 19 -3.18 -24.71 14.25
CA GLY A 19 -2.82 -26.05 13.83
C GLY A 19 -1.77 -26.13 12.74
N ARG A 20 -1.23 -25.00 12.30
CA ARG A 20 -0.23 -24.96 11.22
C ARG A 20 1.00 -24.18 11.63
N GLY A 21 1.31 -24.14 12.93
CA GLY A 21 2.54 -23.52 13.38
C GLY A 21 2.38 -22.06 13.74
N GLU A 22 3.54 -21.38 13.79
CA GLU A 22 3.60 -20.00 14.24
C GLU A 22 2.89 -19.07 13.26
N PRO A 23 2.45 -17.90 13.72
CA PRO A 23 1.82 -16.93 12.83
C PRO A 23 2.77 -16.46 11.73
N ARG A 24 2.16 -15.98 10.65
CA ARG A 24 2.90 -15.34 9.57
C ARG A 24 3.19 -13.89 9.95
N PHE A 25 4.45 -13.49 9.88
CA PHE A 25 4.88 -12.15 10.24
C PHE A 25 5.59 -11.51 9.05
N ILE A 26 5.06 -10.37 8.60
CA ILE A 26 5.65 -9.61 7.50
C ILE A 26 5.78 -8.16 7.96
N ALA A 27 7.01 -7.64 7.92
CA ALA A 27 7.29 -6.25 8.24
C ALA A 27 7.90 -5.57 7.03
N VAL A 28 7.44 -4.35 6.75
CA VAL A 28 7.99 -3.54 5.67
C VAL A 28 8.24 -2.14 6.18
N GLY A 29 9.37 -1.57 5.79
CA GLY A 29 9.70 -0.18 6.10
C GLY A 29 9.70 0.65 4.83
N TYR A 30 9.17 1.84 4.95
CA TYR A 30 9.17 2.73 3.79
C TYR A 30 9.60 4.14 4.14
N VAL A 31 10.39 4.76 3.27
CA VAL A 31 10.65 6.19 3.33
C VAL A 31 9.84 6.82 2.20
N ASP A 32 8.84 7.59 2.60
CA ASP A 32 7.88 8.13 1.63
C ASP A 32 7.21 6.93 0.96
N ASP A 33 7.19 6.89 -0.37
CA ASP A 33 6.51 5.78 -1.07
C ASP A 33 7.57 4.82 -1.61
N THR A 34 8.72 4.75 -0.92
CA THR A 34 9.82 3.88 -1.32
C THR A 34 10.11 2.89 -0.21
N GLN A 35 9.91 1.61 -0.49
CA GLN A 35 10.24 0.56 0.47
C GLN A 35 11.75 0.36 0.51
N PHE A 36 12.30 0.12 1.70
CA PHE A 36 13.77 -0.02 1.86
C PHE A 36 14.14 -1.24 2.71
N VAL A 37 13.22 -1.76 3.51
CA VAL A 37 13.52 -2.92 4.41
C VAL A 37 12.36 -3.92 4.38
N ARG A 38 12.65 -5.18 4.70
CA ARG A 38 11.63 -6.24 4.71
C ARG A 38 12.01 -7.37 5.66
N PHE A 39 11.02 -7.92 6.35
CA PHE A 39 11.23 -9.13 7.17
C PHE A 39 10.02 -10.02 6.91
N ASP A 40 10.23 -11.23 6.42
CA ASP A 40 9.13 -12.19 6.26
C ASP A 40 9.50 -13.45 7.04
N SER A 41 8.65 -13.83 7.97
CA SER A 41 8.88 -15.05 8.73
C SER A 41 8.91 -16.29 7.84
N ASP A 42 8.32 -16.21 6.64
CA ASP A 42 8.36 -17.31 5.69
C ASP A 42 9.49 -17.17 4.67
N ALA A 43 10.29 -16.10 4.75
CA ALA A 43 11.43 -15.96 3.87
C ALA A 43 12.57 -16.86 4.32
N ALA A 44 13.54 -17.05 3.43
CA ALA A 44 14.61 -18.01 3.70
C ALA A 44 15.58 -17.50 4.77
N SER A 45 15.86 -16.19 4.77
CA SER A 45 17.00 -15.68 5.52
C SER A 45 16.72 -15.49 7.00
N GLN A 46 15.47 -15.20 7.37
CA GLN A 46 15.09 -14.89 8.75
C GLN A 46 15.84 -13.68 9.31
N ARG A 47 16.31 -12.80 8.43
CA ARG A 47 16.92 -11.53 8.80
C ARG A 47 16.15 -10.40 8.17
N MET A 48 16.30 -9.20 8.73
CA MET A 48 15.81 -8.01 8.07
C MET A 48 16.64 -7.76 6.82
N GLU A 49 15.97 -7.57 5.70
CA GLU A 49 16.72 -7.52 4.44
C GLU A 49 16.61 -6.16 3.76
N PRO A 50 17.66 -5.72 3.07
CA PRO A 50 17.59 -4.50 2.28
C PRO A 50 16.65 -4.62 1.07
N ARG A 51 15.89 -3.47 0.80
CA ARG A 51 15.02 -3.44 -0.38
C ARG A 51 15.21 -2.17 -1.20
N ALA A 52 16.14 -1.40 -0.85
CA ALA A 52 16.53 -0.20 -1.60
C ALA A 52 18.06 -0.12 -1.66
N PRO A 53 18.67 0.39 -2.75
CA PRO A 53 20.14 0.37 -2.84
C PRO A 53 20.84 1.21 -1.79
N TRP A 54 20.25 2.33 -1.37
CA TRP A 54 20.95 3.24 -0.46
C TRP A 54 21.00 2.73 0.98
N ILE A 55 20.17 1.75 1.34
CA ILE A 55 20.26 1.15 2.67
C ILE A 55 21.28 0.02 2.72
N GLU A 56 21.70 -0.50 1.57
CA GLU A 56 22.63 -1.63 1.55
C GLU A 56 23.98 -1.25 2.15
N GLN A 57 24.35 0.03 2.11
CA GLN A 57 25.63 0.46 2.64
C GLN A 57 25.72 0.35 4.15
N GLU A 58 24.62 0.02 4.84
CA GLU A 58 24.66 -0.14 6.28
C GLU A 58 25.46 -1.38 6.66
N GLY A 59 26.06 -1.34 7.85
CA GLY A 59 26.96 -2.38 8.28
C GLY A 59 26.27 -3.56 8.93
N PRO A 60 27.05 -4.60 9.24
CA PRO A 60 26.45 -5.80 9.84
C PRO A 60 25.74 -5.54 11.16
N GLU A 61 26.27 -4.61 11.97
CA GLU A 61 25.64 -4.32 13.26
C GLU A 61 24.28 -3.66 13.09
N TYR A 62 24.09 -2.87 12.03
CA TYR A 62 22.78 -2.30 11.75
C TYR A 62 21.76 -3.39 11.46
N TRP A 63 22.14 -4.38 10.66
CA TRP A 63 21.22 -5.45 10.31
C TRP A 63 20.99 -6.41 11.47
N ASP A 64 21.99 -6.55 12.36
CA ASP A 64 21.79 -7.34 13.56
C ASP A 64 20.74 -6.69 14.46
N GLN A 65 20.86 -5.37 14.67
CA GLN A 65 19.91 -4.67 15.53
C GLN A 65 18.51 -4.66 14.92
N GLU A 66 18.41 -4.47 13.61
CA GLU A 66 17.10 -4.47 12.97
C GLU A 66 16.47 -5.85 13.02
N THR A 67 17.26 -6.91 12.77
CA THR A 67 16.74 -8.27 12.88
C THR A 67 16.25 -8.55 14.30
N ARG A 68 17.02 -8.13 15.29
CA ARG A 68 16.66 -8.46 16.70
C ARG A 68 15.41 -7.69 17.11
N ASN A 69 15.33 -6.40 16.76
CA ASN A 69 14.20 -5.61 17.22
C ASN A 69 12.93 -5.97 16.46
N VAL A 70 13.03 -6.25 15.16
CA VAL A 70 11.83 -6.60 14.41
C VAL A 70 11.31 -7.98 14.82
N LYS A 71 12.21 -8.87 15.23
CA LYS A 71 11.78 -10.16 15.77
C LYS A 71 11.03 -9.97 17.08
N ALA A 72 11.47 -9.01 17.90
CA ALA A 72 10.80 -8.76 19.17
C ALA A 72 9.40 -8.24 18.97
N GLN A 73 9.20 -7.40 17.94
CA GLN A 73 7.85 -7.01 17.54
C GLN A 73 7.01 -8.24 17.24
N SER A 74 7.59 -9.21 16.52
CA SER A 74 6.88 -10.43 16.18
C SER A 74 6.45 -11.19 17.42
N GLN A 75 7.31 -11.27 18.43
CA GLN A 75 6.97 -12.00 19.64
C GLN A 75 5.79 -11.36 20.36
N THR A 76 5.78 -10.03 20.45
CA THR A 76 4.67 -9.34 21.11
C THR A 76 3.38 -9.51 20.32
N ASP A 77 3.45 -9.41 18.99
CA ASP A 77 2.26 -9.63 18.17
C ASP A 77 1.74 -11.05 18.34
N ARG A 78 2.63 -12.02 18.48
CA ARG A 78 2.21 -13.40 18.72
C ARG A 78 1.47 -13.52 20.05
N VAL A 79 1.97 -12.86 21.09
CA VAL A 79 1.27 -12.85 22.38
C VAL A 79 -0.05 -12.12 22.24
N ASP A 80 -0.04 -10.95 21.57
CA ASP A 80 -1.24 -10.13 21.48
C ASP A 80 -2.35 -10.84 20.72
N LEU A 81 -2.00 -11.73 19.79
CA LEU A 81 -3.03 -12.50 19.10
C LEU A 81 -3.79 -13.40 20.06
N GLY A 82 -3.07 -14.06 20.96
CA GLY A 82 -3.74 -14.87 21.97
C GLY A 82 -4.53 -14.03 22.96
N THR A 83 -3.96 -12.92 23.40
CA THR A 83 -4.66 -12.04 24.35
C THR A 83 -5.94 -11.49 23.74
N LEU A 84 -5.89 -10.98 22.51
CA LEU A 84 -7.09 -10.33 21.93
C LEU A 84 -8.15 -11.39 21.55
N ARG A 85 -7.64 -12.63 21.37
CA ARG A 85 -8.59 -13.72 21.23
C ARG A 85 -9.44 -13.88 22.49
N GLY A 86 -8.83 -13.67 23.65
CA GLY A 86 -9.63 -13.71 24.88
C GLY A 86 -10.52 -12.50 24.97
N TYR A 87 -9.97 -11.31 24.77
CA TYR A 87 -10.76 -10.09 24.85
C TYR A 87 -12.05 -10.20 24.04
N TYR A 88 -11.96 -10.77 22.84
CA TYR A 88 -13.09 -10.85 21.94
C TYR A 88 -13.82 -12.18 22.00
N ASN A 89 -13.42 -13.07 22.91
CA ASN A 89 -14.15 -14.32 23.17
C ASN A 89 -14.27 -15.16 21.90
N GLN A 90 -13.12 -15.44 21.29
CA GLN A 90 -13.11 -16.15 19.99
C GLN A 90 -12.37 -17.48 20.14
N SER A 91 -12.65 -18.43 19.25
CA SER A 91 -12.06 -19.79 19.33
C SER A 91 -10.58 -19.83 18.95
N GLU A 92 -9.94 -20.94 19.26
CA GLU A 92 -8.53 -21.14 18.91
C GLU A 92 -8.42 -21.74 17.51
N ALA A 93 -9.54 -21.99 16.86
CA ALA A 93 -9.53 -22.65 15.55
C ALA A 93 -9.40 -21.63 14.42
N GLY A 94 -9.90 -20.44 14.66
CA GLY A 94 -9.91 -19.44 13.59
C GLY A 94 -8.63 -18.66 13.47
N SER A 95 -8.39 -18.15 12.27
CA SER A 95 -7.23 -17.32 12.01
C SER A 95 -7.61 -15.85 12.13
N HIS A 96 -6.74 -15.11 12.80
CA HIS A 96 -7.00 -13.67 13.02
C HIS A 96 -5.79 -12.85 12.57
N THR A 97 -5.93 -11.54 12.56
CA THR A 97 -4.93 -10.66 11.99
C THR A 97 -4.69 -9.45 12.89
N ILE A 98 -3.42 -9.14 13.12
CA ILE A 98 -3.00 -7.90 13.77
C ILE A 98 -2.17 -7.10 12.77
N GLN A 99 -2.47 -5.82 12.65
CA GLN A 99 -1.72 -4.92 11.77
C GLN A 99 -1.29 -3.70 12.58
N ILE A 100 -0.06 -3.26 12.36
CA ILE A 100 0.50 -2.12 13.08
C ILE A 100 1.22 -1.22 12.08
N MET A 101 1.02 0.09 12.22
CA MET A 101 1.75 1.09 11.46
C MET A 101 2.22 2.17 12.41
N TYR A 102 3.49 2.56 12.30
CA TYR A 102 3.99 3.70 13.04
C TYR A 102 5.09 4.37 12.22
N GLY A 103 5.40 5.61 12.60
CA GLY A 103 6.41 6.37 11.91
C GLY A 103 6.33 7.84 12.26
N CYS A 104 7.09 8.64 11.52
CA CYS A 104 7.21 10.07 11.79
C CYS A 104 7.29 10.82 10.47
N ASP A 105 6.96 12.12 10.54
CA ASP A 105 7.03 13.01 9.39
C ASP A 105 7.96 14.17 9.71
N VAL A 106 8.75 14.60 8.71
CA VAL A 106 9.59 15.78 8.83
C VAL A 106 9.30 16.70 7.66
N GLY A 107 9.56 17.99 7.88
CA GLY A 107 9.43 18.97 6.83
C GLY A 107 10.63 18.98 5.90
N SER A 108 10.58 19.87 4.91
CA SER A 108 11.66 19.97 3.94
C SER A 108 12.98 20.42 4.59
N ASP A 109 12.91 21.03 5.77
CA ASP A 109 14.11 21.42 6.50
C ASP A 109 14.50 20.41 7.57
N GLY A 110 13.81 19.27 7.63
CA GLY A 110 14.14 18.21 8.56
C GLY A 110 13.48 18.30 9.91
N ARG A 111 12.71 19.36 10.19
CA ARG A 111 12.10 19.51 11.50
C ARG A 111 10.95 18.51 11.67
N PHE A 112 10.78 18.06 12.90
CA PHE A 112 9.71 17.11 13.21
C PHE A 112 8.35 17.76 12.97
N LEU A 113 7.43 16.98 12.38
CA LEU A 113 6.07 17.48 12.09
C LEU A 113 5.04 16.65 12.85
N ARG A 114 5.15 15.33 12.79
CA ARG A 114 4.11 14.49 13.43
C ARG A 114 4.57 13.06 13.66
N GLY A 115 4.07 12.46 14.73
CA GLY A 115 4.33 11.05 14.94
C GLY A 115 3.02 10.29 14.97
N TYR A 116 3.10 8.98 14.75
CA TYR A 116 1.86 8.20 14.67
C TYR A 116 2.06 6.72 14.97
N ARG A 117 1.05 6.10 15.60
CA ARG A 117 1.05 4.66 15.76
C ARG A 117 -0.41 4.20 15.77
N GLN A 118 -0.71 3.20 14.95
CA GLN A 118 -2.09 2.73 14.81
C GLN A 118 -2.10 1.21 14.77
N ASP A 119 -3.01 0.59 15.50
CA ASP A 119 -3.12 -0.85 15.57
C ASP A 119 -4.52 -1.28 15.17
N ALA A 120 -4.61 -2.44 14.52
CA ALA A 120 -5.87 -2.99 14.07
C ALA A 120 -5.95 -4.46 14.43
N TYR A 121 -7.18 -4.95 14.60
CA TYR A 121 -7.45 -6.36 14.82
C TYR A 121 -8.52 -6.82 13.85
N ASP A 122 -8.21 -7.84 13.06
CA ASP A 122 -9.16 -8.42 12.11
C ASP A 122 -9.71 -7.35 11.17
N GLY A 123 -8.87 -6.40 10.78
CA GLY A 123 -9.23 -5.41 9.78
C GLY A 123 -9.96 -4.19 10.31
N LYS A 124 -10.23 -4.11 11.61
CA LYS A 124 -10.89 -2.96 12.20
C LYS A 124 -9.95 -2.27 13.19
N ASP A 125 -10.21 -1.00 13.41
CA ASP A 125 -9.39 -0.21 14.36
C ASP A 125 -9.39 -0.86 15.74
N TYR A 126 -8.23 -0.94 16.38
CA TYR A 126 -8.13 -1.44 17.75
C TYR A 126 -7.70 -0.32 18.68
N ILE A 127 -6.48 0.20 18.56
CA ILE A 127 -6.02 1.30 19.39
C ILE A 127 -5.10 2.17 18.55
N ALA A 128 -5.11 3.46 18.87
CA ALA A 128 -4.27 4.41 18.14
C ALA A 128 -3.68 5.45 19.09
N LEU A 129 -2.45 5.87 18.82
CA LEU A 129 -1.85 6.96 19.55
C LEU A 129 -2.36 8.29 19.01
N ASN A 130 -2.53 9.26 19.91
CA ASN A 130 -3.02 10.55 19.51
C ASN A 130 -1.87 11.43 19.02
N GLU A 131 -2.24 12.57 18.43
CA GLU A 131 -1.24 13.48 17.81
C GLU A 131 -0.28 14.06 18.84
N ASP A 132 -0.72 14.22 20.08
CA ASP A 132 0.19 14.71 21.13
C ASP A 132 1.20 13.67 21.57
N LEU A 133 1.02 12.40 21.16
CA LEU A 133 1.89 11.30 21.56
C LEU A 133 1.95 11.14 23.08
N ARG A 134 0.85 11.49 23.75
CA ARG A 134 0.72 11.29 25.19
C ARG A 134 -0.50 10.48 25.59
N SER A 135 -1.48 10.30 24.71
CA SER A 135 -2.73 9.63 25.04
C SER A 135 -3.13 8.69 23.92
N TRP A 136 -4.02 7.77 24.24
CA TRP A 136 -4.49 6.75 23.30
C TRP A 136 -5.98 6.90 23.05
N THR A 137 -6.42 6.37 21.92
CA THR A 137 -7.84 6.28 21.58
C THR A 137 -8.15 4.84 21.24
N ALA A 138 -8.86 4.15 22.13
CA ALA A 138 -9.30 2.79 21.86
C ALA A 138 -10.55 2.80 21.01
N ALA A 139 -10.70 1.74 20.20
CA ALA A 139 -11.83 1.66 19.26
C ALA A 139 -13.06 1.05 19.89
N ASP A 140 -12.90 0.20 20.90
CA ASP A 140 -14.03 -0.42 21.57
C ASP A 140 -13.66 -0.71 23.01
N MET A 141 -14.56 -1.39 23.73
CA MET A 141 -14.35 -1.66 25.15
C MET A 141 -13.29 -2.73 25.37
N ALA A 142 -13.13 -3.66 24.42
CA ALA A 142 -12.02 -4.61 24.51
C ALA A 142 -10.68 -3.88 24.45
N ALA A 143 -10.55 -2.94 23.51
CA ALA A 143 -9.30 -2.22 23.35
C ALA A 143 -9.00 -1.34 24.56
N GLN A 144 -10.03 -0.94 25.31
CA GLN A 144 -9.79 -0.13 26.49
C GLN A 144 -9.00 -0.88 27.56
N ILE A 145 -9.10 -2.21 27.57
CA ILE A 145 -8.26 -3.01 28.46
C ILE A 145 -6.79 -2.79 28.12
N THR A 146 -6.45 -2.78 26.83
CA THR A 146 -5.08 -2.48 26.42
C THR A 146 -4.70 -1.05 26.82
N LYS A 147 -5.61 -0.10 26.60
CA LYS A 147 -5.33 1.29 26.91
C LYS A 147 -4.96 1.47 28.38
N ARG A 148 -5.68 0.80 29.28
CA ARG A 148 -5.36 0.89 30.69
C ARG A 148 -3.99 0.31 30.99
N LYS A 149 -3.64 -0.79 30.34
CA LYS A 149 -2.32 -1.41 30.55
C LYS A 149 -1.20 -0.48 30.07
N TRP A 150 -1.33 0.08 28.88
CA TRP A 150 -0.28 0.96 28.35
C TRP A 150 -0.20 2.26 29.13
N GLU A 151 -1.34 2.75 29.64
CA GLU A 151 -1.30 3.94 30.48
C GLU A 151 -0.59 3.67 31.80
N ALA A 152 -0.77 2.49 32.37
CA ALA A 152 -0.10 2.17 33.64
C ALA A 152 1.40 1.97 33.43
N ALA A 153 1.78 1.38 32.30
CA ALA A 153 3.21 1.10 32.02
C ALA A 153 3.85 2.31 31.36
N HIS A 154 3.04 3.31 31.04
CA HIS A 154 3.59 4.54 30.47
C HIS A 154 4.27 4.27 29.12
N GLU A 155 3.58 3.51 28.27
CA GLU A 155 4.14 3.17 26.97
C GLU A 155 4.25 4.40 26.06
N ALA A 156 3.35 5.37 26.20
CA ALA A 156 3.36 6.54 25.34
C ALA A 156 4.67 7.32 25.50
N GLU A 157 5.12 7.51 26.72
CA GLU A 157 6.32 8.34 26.95
C GLU A 157 7.54 7.67 26.30
N GLN A 158 7.62 6.35 26.40
CA GLN A 158 8.76 5.61 25.81
C GLN A 158 8.64 5.64 24.29
N LEU A 159 7.43 5.49 23.78
CA LEU A 159 7.24 5.45 22.33
C LEU A 159 7.48 6.84 21.77
N ARG A 160 7.00 7.85 22.49
CA ARG A 160 7.16 9.20 21.96
C ARG A 160 8.63 9.55 21.75
N ALA A 161 9.49 9.11 22.67
CA ALA A 161 10.92 9.37 22.52
C ALA A 161 11.46 8.78 21.22
N TYR A 162 10.91 7.66 20.76
CA TYR A 162 11.28 7.12 19.47
C TYR A 162 10.65 7.90 18.33
N LEU A 163 9.37 8.25 18.46
CA LEU A 163 8.61 8.80 17.34
C LEU A 163 9.11 10.19 16.95
N ASP A 164 9.45 11.03 17.94
CA ASP A 164 9.96 12.36 17.65
C ASP A 164 11.46 12.50 17.88
N GLY A 165 12.15 11.38 18.15
CA GLY A 165 13.58 11.42 18.36
C GLY A 165 14.34 10.50 17.42
N THR A 166 14.39 9.22 17.78
CA THR A 166 15.10 8.23 16.96
C THR A 166 14.56 8.20 15.54
N CYS A 167 13.23 8.16 15.40
CA CYS A 167 12.62 8.10 14.08
C CYS A 167 12.99 9.31 13.22
N VAL A 168 12.99 10.49 13.83
CA VAL A 168 13.27 11.71 13.07
C VAL A 168 14.74 11.74 12.63
N GLU A 169 15.65 11.33 13.52
CA GLU A 169 17.07 11.40 13.19
C GLU A 169 17.45 10.39 12.11
N TRP A 170 16.88 9.19 12.16
CA TRP A 170 17.21 8.19 11.15
C TRP A 170 16.53 8.48 9.82
N LEU A 171 15.32 9.06 9.86
CA LEU A 171 14.71 9.55 8.64
C LEU A 171 15.59 10.60 7.97
N ARG A 172 16.19 11.49 8.76
CA ARG A 172 17.13 12.46 8.21
C ARG A 172 18.32 11.78 7.56
N ARG A 173 18.84 10.72 8.18
CA ARG A 173 20.00 10.03 7.63
C ARG A 173 19.66 9.30 6.35
N TYR A 174 18.51 8.60 6.32
CA TYR A 174 18.09 7.90 5.12
C TYR A 174 17.91 8.88 3.95
N LEU A 175 17.29 10.03 4.21
CA LEU A 175 17.10 11.03 3.16
C LEU A 175 18.43 11.52 2.61
N GLU A 176 19.46 11.58 3.45
CA GLU A 176 20.77 11.99 2.98
C GLU A 176 21.49 10.86 2.25
N ASN A 177 21.39 9.63 2.77
CA ASN A 177 22.08 8.51 2.16
C ASN A 177 21.48 8.14 0.81
N GLY A 178 20.21 8.46 0.59
CA GLY A 178 19.58 8.16 -0.69
C GLY A 178 18.97 9.38 -1.34
N LYS A 179 19.67 10.52 -1.25
CA LYS A 179 19.10 11.78 -1.72
C LYS A 179 18.81 11.74 -3.22
N GLU A 180 19.65 11.06 -3.99
CA GLU A 180 19.48 11.04 -5.44
C GLU A 180 18.15 10.41 -5.84
N THR A 181 17.67 9.44 -5.05
CA THR A 181 16.41 8.77 -5.34
C THR A 181 15.25 9.26 -4.47
N LEU A 182 15.50 9.60 -3.21
CA LEU A 182 14.40 9.93 -2.31
C LEU A 182 13.96 11.37 -2.42
N GLN A 183 14.86 12.29 -2.79
CA GLN A 183 14.51 13.70 -2.92
C GLN A 183 14.10 14.07 -4.33
N ARG A 184 13.42 13.18 -5.03
CA ARG A 184 12.90 13.43 -6.37
C ARG A 184 11.39 13.59 -6.32
N THR A 185 10.86 14.38 -7.25
CA THR A 185 9.41 14.55 -7.40
C THR A 185 9.10 14.41 -8.89
N ASP A 186 8.67 13.23 -9.30
CA ASP A 186 8.32 12.98 -10.69
C ASP A 186 6.89 13.45 -10.94
N PRO A 187 6.69 14.49 -11.76
CA PRO A 187 5.34 14.96 -12.01
C PRO A 187 4.59 13.99 -12.92
N PRO A 188 3.26 13.93 -12.80
CA PRO A 188 2.48 13.02 -13.60
C PRO A 188 2.45 13.28 -15.11
N LYS A 189 2.66 12.24 -15.90
CA LYS A 189 2.50 12.33 -17.37
C LYS A 189 1.02 12.10 -17.62
N THR A 190 0.31 13.11 -18.11
CA THR A 190 -1.16 13.01 -18.22
C THR A 190 -1.66 12.92 -19.66
N HIS A 191 -2.71 12.13 -19.88
CA HIS A 191 -3.37 12.08 -21.17
C HIS A 191 -4.77 11.54 -20.95
N MET A 192 -5.58 11.58 -22.02
CA MET A 192 -6.99 11.25 -21.95
C MET A 192 -7.33 10.26 -23.06
N THR A 193 -8.15 9.27 -22.73
CA THR A 193 -8.59 8.28 -23.70
C THR A 193 -10.11 8.31 -23.82
N HIS A 194 -10.59 7.79 -24.94
CA HIS A 194 -12.00 7.83 -25.31
C HIS A 194 -12.41 6.45 -25.78
N HIS A 195 -13.48 5.92 -25.20
CA HIS A 195 -13.92 4.57 -25.53
C HIS A 195 -15.43 4.53 -25.73
N PRO A 196 -15.90 4.38 -26.97
CA PRO A 196 -17.34 4.26 -27.20
C PRO A 196 -17.87 2.97 -26.59
N ILE A 197 -18.99 3.08 -25.87
CA ILE A 197 -19.73 1.90 -25.42
C ILE A 197 -20.95 1.63 -26.29
N SER A 198 -21.29 2.56 -27.19
CA SER A 198 -22.37 2.42 -28.15
C SER A 198 -22.19 3.49 -29.22
N ASP A 199 -23.23 3.80 -29.98
CA ASP A 199 -23.15 4.91 -30.91
C ASP A 199 -23.62 6.23 -30.31
N HIS A 200 -24.07 6.22 -29.05
CA HIS A 200 -24.53 7.43 -28.39
C HIS A 200 -23.82 7.73 -27.08
N GLU A 201 -23.08 6.79 -26.51
CA GLU A 201 -22.36 7.01 -25.26
C GLU A 201 -20.91 6.57 -25.42
N ALA A 202 -20.04 7.16 -24.60
CA ALA A 202 -18.62 6.84 -24.64
C ALA A 202 -18.01 7.05 -23.26
N THR A 203 -16.98 6.27 -22.97
CA THR A 203 -16.22 6.42 -21.74
C THR A 203 -15.04 7.36 -21.97
N LEU A 204 -14.96 8.40 -21.15
CA LEU A 204 -13.78 9.26 -21.10
C LEU A 204 -12.95 8.84 -19.91
N ARG A 205 -11.68 8.53 -20.15
CA ARG A 205 -10.77 8.10 -19.09
C ARG A 205 -9.60 9.08 -19.01
N CYS A 206 -9.34 9.57 -17.80
CA CYS A 206 -8.26 10.52 -17.55
C CYS A 206 -7.10 9.79 -16.89
N TRP A 207 -5.94 9.93 -17.48
CA TRP A 207 -4.80 9.13 -17.03
C TRP A 207 -3.71 9.96 -16.36
N ALA A 208 -3.01 9.35 -15.43
CA ALA A 208 -1.86 9.93 -14.76
C ALA A 208 -0.82 8.83 -14.58
N LEU A 209 0.31 9.01 -15.22
CA LEU A 209 1.33 7.93 -15.20
C LEU A 209 2.71 8.44 -14.80
N GLY A 210 3.50 7.57 -14.20
CA GLY A 210 4.90 7.86 -13.92
C GLY A 210 5.16 8.98 -12.93
N PHE A 211 4.34 9.08 -11.88
CA PHE A 211 4.52 10.13 -10.89
C PHE A 211 5.00 9.58 -9.56
N TYR A 212 5.67 10.44 -8.80
CA TYR A 212 6.19 10.15 -7.47
C TYR A 212 6.25 11.48 -6.73
N PRO A 213 5.77 11.54 -5.48
CA PRO A 213 5.21 10.44 -4.71
C PRO A 213 3.79 10.04 -5.13
N ALA A 214 3.17 9.14 -4.36
CA ALA A 214 1.95 8.47 -4.81
C ALA A 214 0.70 9.32 -4.63
N GLU A 215 0.73 10.36 -3.80
CA GLU A 215 -0.48 11.14 -3.56
C GLU A 215 -0.83 11.96 -4.80
N ILE A 216 -2.08 11.85 -5.24
CA ILE A 216 -2.55 12.52 -6.44
C ILE A 216 -4.06 12.66 -6.33
N THR A 217 -4.64 13.60 -7.08
CA THR A 217 -6.07 13.81 -7.11
C THR A 217 -6.52 13.95 -8.56
N LEU A 218 -7.51 13.14 -8.95
CA LEU A 218 -8.15 13.23 -10.26
C LEU A 218 -9.61 13.54 -10.05
N THR A 219 -10.10 14.62 -10.67
CA THR A 219 -11.48 15.05 -10.51
C THR A 219 -12.08 15.38 -11.87
N TRP A 220 -13.32 14.93 -12.07
CA TRP A 220 -14.07 15.22 -13.28
C TRP A 220 -15.00 16.40 -13.04
N GLN A 221 -15.12 17.28 -14.03
CA GLN A 221 -16.08 18.42 -13.92
C GLN A 221 -16.89 18.55 -15.22
N ARG A 222 -18.21 18.70 -15.10
CA ARG A 222 -19.05 18.96 -16.29
C ARG A 222 -19.44 20.43 -16.26
N ASP A 223 -18.93 21.21 -17.19
CA ASP A 223 -19.32 22.64 -17.27
C ASP A 223 -18.84 23.32 -16.00
N GLY A 224 -17.74 22.82 -15.42
CA GLY A 224 -17.15 23.46 -14.23
C GLY A 224 -17.64 22.83 -12.96
N GLU A 225 -18.75 22.11 -13.05
CA GLU A 225 -19.34 21.50 -11.83
C GLU A 225 -18.82 20.09 -11.68
N ASP A 226 -18.67 19.63 -10.44
CA ASP A 226 -18.11 18.31 -10.23
C ASP A 226 -19.11 17.22 -10.59
N GLN A 227 -18.56 16.03 -10.86
CA GLN A 227 -19.32 14.83 -11.20
C GLN A 227 -18.86 13.66 -10.34
N THR A 228 -18.72 13.89 -9.04
CA THR A 228 -18.00 12.95 -8.19
C THR A 228 -18.75 11.64 -7.98
N GLN A 229 -20.08 11.65 -8.08
CA GLN A 229 -20.85 10.43 -7.86
C GLN A 229 -21.14 9.67 -9.15
N ASP A 230 -20.74 10.21 -10.30
CA ASP A 230 -20.79 9.48 -11.57
C ASP A 230 -19.39 9.16 -12.08
N THR A 231 -18.39 9.20 -11.21
CA THR A 231 -16.99 9.01 -11.59
C THR A 231 -16.48 7.68 -11.05
N GLU A 232 -15.88 6.88 -11.92
CA GLU A 232 -15.15 5.69 -11.49
C GLU A 232 -13.68 6.03 -11.33
N LEU A 233 -13.13 5.71 -10.17
CA LEU A 233 -11.76 6.07 -9.82
C LEU A 233 -11.11 4.86 -9.16
N VAL A 234 -10.09 4.31 -9.82
CA VAL A 234 -9.42 3.12 -9.32
C VAL A 234 -8.33 3.51 -8.33
N GLU A 235 -7.90 2.54 -7.53
CA GLU A 235 -6.84 2.78 -6.56
C GLU A 235 -5.54 3.16 -7.27
N THR A 236 -4.77 4.05 -6.64
CA THR A 236 -3.44 4.36 -7.13
C THR A 236 -2.58 3.11 -7.13
N ARG A 237 -1.97 2.80 -8.26
CA ARG A 237 -1.25 1.54 -8.40
C ARG A 237 0.22 1.80 -8.72
N PRO A 238 1.11 0.93 -8.24
CA PRO A 238 2.53 1.09 -8.57
C PRO A 238 2.85 0.54 -9.94
N ALA A 239 3.74 1.23 -10.65
CA ALA A 239 4.17 0.77 -11.96
C ALA A 239 5.21 -0.35 -11.85
N GLY A 240 5.96 -0.39 -10.75
CA GLY A 240 7.01 -1.35 -10.55
C GLY A 240 8.41 -0.78 -10.69
N ASP A 241 8.53 0.41 -11.28
CA ASP A 241 9.80 1.09 -11.44
C ASP A 241 10.00 2.20 -10.41
N GLY A 242 9.13 2.27 -9.41
CA GLY A 242 9.19 3.33 -8.40
C GLY A 242 8.19 4.44 -8.60
N THR A 243 7.47 4.45 -9.71
CA THR A 243 6.45 5.46 -9.99
C THR A 243 5.06 4.84 -9.83
N PHE A 244 4.04 5.67 -10.03
CA PHE A 244 2.66 5.27 -9.76
C PHE A 244 1.75 5.69 -10.90
N GLN A 245 0.59 5.04 -10.97
CA GLN A 245 -0.40 5.30 -11.99
C GLN A 245 -1.79 5.38 -11.35
N LYS A 246 -2.68 6.12 -12.00
CA LYS A 246 -4.08 6.19 -11.59
C LYS A 246 -4.90 6.68 -12.78
N TRP A 247 -6.18 6.33 -12.78
CA TRP A 247 -7.08 6.89 -13.76
C TRP A 247 -8.48 7.06 -13.16
N ALA A 248 -9.24 7.97 -13.75
CA ALA A 248 -10.62 8.22 -13.40
C ALA A 248 -11.44 8.29 -14.68
N ALA A 249 -12.64 7.71 -14.65
CA ALA A 249 -13.45 7.58 -15.86
C ALA A 249 -14.84 8.15 -15.63
N VAL A 250 -15.43 8.62 -16.73
CA VAL A 250 -16.80 9.14 -16.74
C VAL A 250 -17.46 8.71 -18.05
N VAL A 251 -18.74 8.37 -17.99
CA VAL A 251 -19.52 8.01 -19.16
C VAL A 251 -20.27 9.25 -19.61
N VAL A 252 -20.06 9.63 -20.87
CA VAL A 252 -20.57 10.91 -21.38
C VAL A 252 -21.43 10.61 -22.60
N PRO A 253 -22.37 11.51 -22.93
CA PRO A 253 -23.10 11.38 -24.19
C PRO A 253 -22.22 11.77 -25.36
N SER A 254 -22.24 10.96 -26.42
CA SER A 254 -21.40 11.20 -27.58
C SER A 254 -21.73 12.55 -28.21
N GLY A 255 -20.70 13.35 -28.46
CA GLY A 255 -20.85 14.69 -28.98
C GLY A 255 -20.85 15.77 -27.94
N GLU A 256 -20.88 15.41 -26.65
CA GLU A 256 -20.80 16.35 -25.55
C GLU A 256 -19.53 16.18 -24.75
N GLU A 257 -18.51 15.54 -25.33
CA GLU A 257 -17.25 15.30 -24.62
C GLU A 257 -16.56 16.62 -24.25
N GLN A 258 -16.70 17.65 -25.09
CA GLN A 258 -16.08 18.93 -24.80
C GLN A 258 -16.67 19.62 -23.57
N ARG A 259 -17.73 19.07 -22.98
CA ARG A 259 -18.36 19.67 -21.79
C ARG A 259 -17.68 19.17 -20.52
N TYR A 260 -16.81 18.18 -20.64
CA TYR A 260 -16.17 17.57 -19.48
C TYR A 260 -14.69 17.91 -19.47
N THR A 261 -14.14 18.09 -18.26
CA THR A 261 -12.72 18.34 -18.08
C THR A 261 -12.21 17.57 -16.88
N CYS A 262 -11.02 17.00 -17.01
CA CYS A 262 -10.33 16.32 -15.92
C CYS A 262 -9.31 17.25 -15.30
N HIS A 263 -9.26 17.26 -13.96
CA HIS A 263 -8.37 18.12 -13.22
C HIS A 263 -7.41 17.25 -12.41
N VAL A 264 -6.11 17.55 -12.53
CA VAL A 264 -5.05 16.75 -11.93
C VAL A 264 -4.29 17.62 -10.92
N GLN A 265 -4.03 17.06 -9.75
CA GLN A 265 -3.29 17.76 -8.70
C GLN A 265 -2.15 16.88 -8.22
N HIS A 266 -0.93 17.42 -8.21
CA HIS A 266 0.20 16.63 -7.75
C HIS A 266 1.33 17.53 -7.26
N GLU A 267 2.06 17.04 -6.24
CA GLU A 267 3.19 17.76 -5.69
C GLU A 267 4.12 18.33 -6.76
N GLY A 268 4.37 17.59 -7.83
CA GLY A 268 5.33 18.04 -8.84
C GLY A 268 4.78 18.90 -9.95
N LEU A 269 3.51 19.23 -9.90
CA LEU A 269 2.89 20.06 -10.94
C LEU A 269 3.05 21.53 -10.60
N PRO A 270 3.52 22.34 -11.53
CA PRO A 270 3.56 23.80 -11.29
C PRO A 270 2.15 24.33 -11.08
N LYS A 271 1.33 24.16 -12.06
CA LYS A 271 -0.08 24.48 -11.83
C LYS A 271 -0.93 23.22 -11.99
N PRO A 272 -2.08 23.16 -11.32
CA PRO A 272 -2.97 22.00 -11.52
C PRO A 272 -3.39 21.87 -12.97
N LEU A 273 -3.25 20.66 -13.50
CA LEU A 273 -3.50 20.45 -14.94
C LEU A 273 -4.99 20.30 -15.23
N THR A 274 -5.42 20.83 -16.36
CA THR A 274 -6.80 20.73 -16.83
C THR A 274 -6.79 20.08 -18.20
N LEU A 275 -7.52 18.98 -18.35
CA LEU A 275 -7.53 18.19 -19.57
C LEU A 275 -8.95 18.14 -20.12
N ARG A 276 -9.10 18.55 -21.38
CA ARG A 276 -10.37 18.48 -22.09
C ARG A 276 -10.20 17.60 -23.32
N TRP A 277 -11.13 16.68 -23.52
CA TRP A 277 -11.09 15.85 -24.72
C TRP A 277 -11.20 16.72 -25.96
N GLU A 278 -10.45 16.35 -26.99
CA GLU A 278 -10.44 17.08 -28.25
C GLU A 278 -11.32 16.37 -29.26
N LEU A 279 -11.99 17.18 -30.08
CA LEU A 279 -12.87 16.59 -31.12
C LEU A 279 -12.50 17.21 -32.46
N SER A 280 -12.92 16.58 -33.57
CA SER A 280 -12.52 17.06 -34.92
C SER A 280 -12.30 18.57 -34.92
N GLU B 19 -12.00 -13.18 11.40
CA GLU B 19 -12.12 -12.16 10.36
C GLU B 19 -13.59 -11.89 10.05
N ALA B 20 -14.26 -11.16 10.94
CA ALA B 20 -15.66 -10.82 10.72
C ALA B 20 -15.82 -9.91 9.51
N ILE B 21 -14.98 -8.90 9.38
CA ILE B 21 -15.02 -8.04 8.19
C ILE B 21 -14.24 -8.74 7.08
N GLN B 22 -14.90 -8.94 5.95
CA GLN B 22 -14.28 -9.54 4.77
C GLN B 22 -14.50 -8.61 3.60
N ARG B 23 -13.42 -8.27 2.90
CA ARG B 23 -13.45 -7.32 1.81
C ARG B 23 -12.98 -8.01 0.53
N THR B 24 -13.75 -7.84 -0.54
CA THR B 24 -13.42 -8.47 -1.81
C THR B 24 -12.25 -7.75 -2.46
N PRO B 25 -11.29 -8.49 -3.01
CA PRO B 25 -10.18 -7.83 -3.73
C PRO B 25 -10.68 -7.12 -4.99
N LYS B 26 -10.04 -6.00 -5.27
CA LYS B 26 -10.23 -5.26 -6.51
C LYS B 26 -8.96 -5.42 -7.34
N ILE B 27 -9.11 -5.98 -8.53
CA ILE B 27 -7.99 -6.46 -9.34
C ILE B 27 -7.78 -5.51 -10.51
N GLN B 28 -6.53 -5.09 -10.70
CA GLN B 28 -6.14 -4.29 -11.86
C GLN B 28 -5.01 -5.00 -12.60
N VAL B 29 -5.16 -5.10 -13.92
CA VAL B 29 -4.13 -5.68 -14.78
C VAL B 29 -3.67 -4.59 -15.75
N TYR B 30 -2.36 -4.40 -15.84
CA TYR B 30 -1.79 -3.30 -16.60
C TYR B 30 -0.32 -3.59 -16.83
N SER B 31 0.30 -2.76 -17.66
CA SER B 31 1.73 -2.86 -17.93
C SER B 31 2.47 -1.71 -17.27
N ARG B 32 3.76 -1.94 -16.99
CA ARG B 32 4.57 -0.93 -16.34
C ARG B 32 4.68 0.33 -17.19
N HIS B 33 5.01 0.16 -18.47
CA HIS B 33 5.08 1.25 -19.43
C HIS B 33 3.98 1.11 -20.47
N PRO B 34 3.68 2.17 -21.22
CA PRO B 34 2.74 2.03 -22.33
C PRO B 34 3.15 0.90 -23.27
N ALA B 35 2.21 0.00 -23.53
CA ALA B 35 2.51 -1.22 -24.27
C ALA B 35 2.71 -0.94 -25.75
N GLU B 36 3.83 -1.42 -26.29
CA GLU B 36 4.09 -1.38 -27.72
C GLU B 36 4.47 -2.79 -28.16
N ASN B 37 3.77 -3.30 -29.17
CA ASN B 37 3.99 -4.66 -29.64
C ASN B 37 5.43 -4.84 -30.09
N GLY B 38 6.14 -5.76 -29.44
CA GLY B 38 7.51 -6.07 -29.77
C GLY B 38 8.53 -5.55 -28.78
N LYS B 39 8.16 -4.59 -27.93
CA LYS B 39 9.07 -4.02 -26.95
C LYS B 39 8.80 -4.63 -25.58
N SER B 40 9.86 -5.14 -24.94
CA SER B 40 9.71 -5.80 -23.65
C SER B 40 9.16 -4.82 -22.62
N ASN B 41 8.35 -5.34 -21.71
CA ASN B 41 7.61 -4.54 -20.75
C ASN B 41 7.48 -5.35 -19.46
N PHE B 42 6.56 -4.95 -18.60
CA PHE B 42 6.26 -5.71 -17.39
C PHE B 42 4.75 -5.80 -17.22
N LEU B 43 4.25 -7.02 -17.05
CA LEU B 43 2.84 -7.23 -16.80
C LEU B 43 2.58 -7.19 -15.30
N ASN B 44 1.65 -6.35 -14.88
CA ASN B 44 1.36 -6.15 -13.47
C ASN B 44 -0.04 -6.63 -13.15
N CYS B 45 -0.19 -7.30 -12.00
CA CYS B 45 -1.50 -7.52 -11.39
C CYS B 45 -1.47 -6.92 -9.99
N TYR B 46 -2.29 -5.89 -9.78
CA TYR B 46 -2.38 -5.20 -8.50
C TYR B 46 -3.68 -5.61 -7.82
N VAL B 47 -3.56 -6.29 -6.68
CA VAL B 47 -4.70 -6.69 -5.86
C VAL B 47 -4.71 -5.78 -4.64
N SER B 48 -5.87 -5.20 -4.34
CA SER B 48 -5.96 -4.30 -3.20
C SER B 48 -7.37 -4.34 -2.63
N GLY B 49 -7.48 -3.81 -1.41
CA GLY B 49 -8.77 -3.70 -0.76
C GLY B 49 -9.36 -4.98 -0.22
N PHE B 50 -8.54 -6.00 0.02
CA PHE B 50 -9.04 -7.30 0.43
C PHE B 50 -8.69 -7.58 1.89
N HIS B 51 -9.51 -8.44 2.51
CA HIS B 51 -9.32 -8.94 3.86
C HIS B 51 -10.14 -10.20 4.05
N PRO B 52 -9.56 -11.28 4.61
CA PRO B 52 -8.20 -11.35 5.17
C PRO B 52 -7.09 -11.38 4.11
N SER B 53 -5.84 -11.55 4.58
CA SER B 53 -4.67 -11.42 3.72
C SER B 53 -4.40 -12.66 2.88
N ASP B 54 -4.98 -13.80 3.24
CA ASP B 54 -4.77 -15.02 2.46
C ASP B 54 -5.38 -14.86 1.08
N ILE B 55 -4.55 -14.97 0.04
CA ILE B 55 -4.98 -14.73 -1.33
C ILE B 55 -4.05 -15.51 -2.26
N GLU B 56 -4.60 -15.94 -3.39
CA GLU B 56 -3.82 -16.61 -4.43
C GLU B 56 -3.94 -15.80 -5.72
N VAL B 57 -2.79 -15.44 -6.28
CA VAL B 57 -2.73 -14.63 -7.50
C VAL B 57 -1.81 -15.31 -8.49
N ASP B 58 -2.30 -15.52 -9.71
CA ASP B 58 -1.50 -16.09 -10.78
C ASP B 58 -1.63 -15.22 -12.03
N LEU B 59 -0.54 -15.16 -12.79
CA LEU B 59 -0.52 -14.50 -14.09
C LEU B 59 -0.61 -15.55 -15.18
N LEU B 60 -1.47 -15.30 -16.17
CA LEU B 60 -1.74 -16.26 -17.22
C LEU B 60 -1.35 -15.70 -18.58
N LYS B 61 -0.78 -16.55 -19.41
CA LYS B 61 -0.51 -16.26 -20.82
C LYS B 61 -1.26 -17.29 -21.65
N ASN B 62 -2.26 -16.82 -22.40
CA ASN B 62 -3.12 -17.70 -23.21
C ASN B 62 -3.83 -18.75 -22.35
N GLY B 63 -4.05 -18.44 -21.08
CA GLY B 63 -4.81 -19.29 -20.20
C GLY B 63 -4.01 -20.23 -19.32
N GLU B 64 -2.69 -20.21 -19.50
CA GLU B 64 -1.80 -21.09 -18.73
C GLU B 64 -0.99 -20.26 -17.73
N ARG B 65 -0.64 -20.86 -16.59
CA ARG B 65 0.05 -20.14 -15.54
C ARG B 65 1.48 -19.80 -15.92
N ILE B 66 1.85 -18.54 -15.78
CA ILE B 66 3.25 -18.12 -15.89
C ILE B 66 3.94 -18.44 -14.57
N GLU B 67 5.10 -19.09 -14.65
CA GLU B 67 5.69 -19.70 -13.47
C GLU B 67 6.69 -18.81 -12.74
N LYS B 68 7.45 -17.99 -13.46
CA LYS B 68 8.42 -17.09 -12.83
C LYS B 68 7.73 -15.74 -12.66
N VAL B 69 7.02 -15.59 -11.54
CA VAL B 69 6.26 -14.40 -11.23
C VAL B 69 6.65 -13.94 -9.84
N GLU B 70 7.09 -12.70 -9.73
CA GLU B 70 7.44 -12.14 -8.43
C GLU B 70 6.25 -11.35 -7.87
N HIS B 71 6.32 -11.09 -6.56
CA HIS B 71 5.32 -10.27 -5.90
C HIS B 71 5.98 -9.38 -4.86
N SER B 72 5.22 -8.38 -4.45
CA SER B 72 5.66 -7.43 -3.43
C SER B 72 5.53 -8.01 -2.02
N ASP B 73 6.09 -7.32 -1.04
CA ASP B 73 5.93 -7.71 0.38
C ASP B 73 4.60 -7.15 0.87
N LEU B 74 3.81 -7.94 1.58
CA LEU B 74 2.44 -7.52 1.97
C LEU B 74 2.43 -6.25 2.80
N SER B 75 1.64 -5.29 2.34
CA SER B 75 1.45 -4.04 3.08
C SER B 75 -0.04 -3.71 2.96
N PHE B 76 -0.47 -2.66 3.63
CA PHE B 76 -1.88 -2.30 3.66
C PHE B 76 -2.04 -0.79 3.58
N SER B 77 -3.29 -0.36 3.39
CA SER B 77 -3.64 1.03 3.18
C SER B 77 -4.10 1.66 4.50
N LYS B 78 -4.64 2.88 4.40
CA LYS B 78 -5.09 3.60 5.59
C LYS B 78 -6.26 2.89 6.26
N ASP B 79 -7.13 2.27 5.47
CA ASP B 79 -8.31 1.59 5.99
C ASP B 79 -8.02 0.14 6.40
N TRP B 80 -6.74 -0.23 6.48
CA TRP B 80 -6.31 -1.57 6.95
C TRP B 80 -6.39 -2.65 5.86
N SER B 81 -6.88 -2.33 4.68
CA SER B 81 -7.02 -3.34 3.64
C SER B 81 -5.69 -3.56 2.93
N PHE B 82 -5.41 -4.81 2.60
CA PHE B 82 -4.11 -5.20 2.09
C PHE B 82 -3.99 -4.93 0.59
N TYR B 83 -2.74 -4.86 0.16
CA TYR B 83 -2.43 -4.67 -1.28
C TYR B 83 -1.20 -5.51 -1.64
N LEU B 84 -1.21 -6.10 -2.83
CA LEU B 84 -0.07 -6.90 -3.31
C LEU B 84 0.11 -6.68 -4.82
N LEU B 85 1.36 -6.58 -5.27
CA LEU B 85 1.66 -6.41 -6.70
C LEU B 85 2.38 -7.65 -7.20
N TYR B 86 1.79 -8.31 -8.19
CA TYR B 86 2.43 -9.44 -8.88
C TYR B 86 2.85 -8.97 -10.26
N TYR B 87 4.08 -9.27 -10.64
CA TYR B 87 4.62 -8.77 -11.90
C TYR B 87 5.53 -9.81 -12.53
N THR B 88 5.66 -9.71 -13.85
CA THR B 88 6.56 -10.56 -14.62
C THR B 88 6.91 -9.82 -15.91
N GLU B 89 8.08 -10.12 -16.45
CA GLU B 89 8.51 -9.45 -17.70
C GLU B 89 7.82 -10.12 -18.89
N PHE B 90 7.40 -9.32 -19.87
CA PHE B 90 6.68 -9.85 -21.04
C PHE B 90 6.91 -8.93 -22.23
N THR B 91 6.71 -9.46 -23.43
CA THR B 91 6.80 -8.63 -24.65
C THR B 91 5.41 -8.64 -25.28
N PRO B 92 4.64 -7.54 -25.20
CA PRO B 92 3.27 -7.54 -25.72
C PRO B 92 3.22 -7.89 -27.20
N THR B 93 2.31 -8.78 -27.54
CA THR B 93 2.02 -9.12 -28.92
C THR B 93 0.57 -8.75 -29.21
N GLU B 94 0.22 -8.75 -30.49
CA GLU B 94 -1.18 -8.67 -30.88
C GLU B 94 -1.76 -10.05 -31.15
N LYS B 95 -1.17 -11.09 -30.57
CA LYS B 95 -1.71 -12.44 -30.62
C LYS B 95 -1.96 -13.03 -29.24
N ASP B 96 -1.00 -12.89 -28.32
CA ASP B 96 -1.10 -13.51 -27.01
C ASP B 96 -2.08 -12.77 -26.11
N GLU B 97 -2.80 -13.53 -25.29
CA GLU B 97 -3.77 -13.01 -24.35
C GLU B 97 -3.25 -13.18 -22.93
N TYR B 98 -3.29 -12.12 -22.14
CA TYR B 98 -2.75 -12.12 -20.79
C TYR B 98 -3.86 -11.81 -19.79
N ALA B 99 -3.78 -12.42 -18.61
CA ALA B 99 -4.84 -12.23 -17.62
C ALA B 99 -4.26 -12.41 -16.23
N CYS B 100 -5.05 -12.04 -15.22
CA CYS B 100 -4.73 -12.30 -13.82
C CYS B 100 -5.84 -13.14 -13.21
N ARG B 101 -5.45 -14.14 -12.43
CA ARG B 101 -6.39 -15.03 -11.75
C ARG B 101 -6.21 -14.86 -10.24
N VAL B 102 -7.28 -14.46 -9.56
CA VAL B 102 -7.26 -14.17 -8.14
C VAL B 102 -8.27 -15.07 -7.45
N ASN B 103 -7.86 -15.68 -6.34
CA ASN B 103 -8.76 -16.45 -5.49
C ASN B 103 -8.71 -15.90 -4.08
N HIS B 104 -9.88 -15.77 -3.47
CA HIS B 104 -10.00 -15.21 -2.13
C HIS B 104 -11.23 -15.85 -1.48
N VAL B 105 -11.34 -15.68 -0.15
CA VAL B 105 -12.50 -16.23 0.54
C VAL B 105 -13.77 -15.52 0.12
N THR B 106 -13.67 -14.27 -0.33
CA THR B 106 -14.83 -13.49 -0.75
C THR B 106 -15.32 -13.85 -2.15
N LEU B 107 -14.63 -14.78 -2.80
CA LEU B 107 -14.96 -15.09 -4.22
C LEU B 107 -15.54 -16.50 -4.33
N SER B 108 -16.58 -16.66 -5.16
CA SER B 108 -17.25 -17.96 -5.37
C SER B 108 -16.32 -18.85 -6.19
N GLN B 109 -15.60 -18.24 -7.10
CA GLN B 109 -14.64 -18.99 -7.93
C GLN B 109 -13.48 -18.06 -8.25
N PRO B 110 -12.28 -18.57 -8.50
CA PRO B 110 -11.16 -17.72 -8.94
C PRO B 110 -11.58 -16.77 -10.05
N LYS B 111 -11.43 -15.47 -9.80
CA LYS B 111 -11.81 -14.43 -10.76
C LYS B 111 -10.65 -14.18 -11.72
N ILE B 112 -10.96 -14.11 -13.01
CA ILE B 112 -9.96 -13.88 -14.05
C ILE B 112 -10.23 -12.53 -14.68
N VAL B 113 -9.25 -11.64 -14.64
CA VAL B 113 -9.32 -10.34 -15.28
C VAL B 113 -8.29 -10.33 -16.40
N LYS B 114 -8.74 -10.09 -17.62
CA LYS B 114 -7.85 -10.11 -18.78
C LYS B 114 -7.13 -8.78 -18.93
N TRP B 115 -5.91 -8.84 -19.44
CA TRP B 115 -5.15 -7.62 -19.66
C TRP B 115 -5.78 -6.84 -20.81
N ASP B 116 -6.15 -5.59 -20.54
CA ASP B 116 -6.66 -4.67 -21.53
C ASP B 116 -5.73 -3.47 -21.56
N ARG B 117 -5.11 -3.22 -22.71
CA ARG B 117 -4.27 -2.04 -22.87
C ARG B 117 -5.06 -0.73 -22.77
N ASP B 118 -6.38 -0.80 -22.56
CA ASP B 118 -7.22 0.37 -22.35
C ASP B 118 -7.40 0.72 -20.89
N MET B 119 -6.91 -0.10 -19.96
CA MET B 119 -7.14 0.12 -18.54
C MET B 119 -5.90 -0.17 -17.70
N VAL C 1 15.18 3.09 11.44
CA VAL C 1 15.24 1.88 12.25
C VAL C 1 13.92 1.67 12.99
N VAL C 2 13.57 0.41 13.22
CA VAL C 2 12.37 0.06 13.96
C VAL C 2 12.57 0.43 15.43
N VAL C 3 11.48 0.47 16.19
CA VAL C 3 11.56 0.79 17.60
C VAL C 3 12.29 -0.33 18.35
N GLY C 4 13.01 0.04 19.40
CA GLY C 4 13.71 -0.95 20.20
C GLY C 4 12.76 -1.89 20.90
N ALA C 5 13.27 -3.08 21.19
CA ALA C 5 12.48 -4.09 21.90
C ALA C 5 12.10 -3.60 23.28
N GLY C 6 10.97 -4.10 23.78
CA GLY C 6 10.59 -3.82 25.16
C GLY C 6 9.19 -3.28 25.35
N GLY C 7 8.43 -3.12 24.27
CA GLY C 7 7.05 -2.71 24.41
C GLY C 7 6.23 -3.78 25.11
N VAL C 8 5.36 -3.35 26.01
CA VAL C 8 4.52 -4.30 26.74
C VAL C 8 3.37 -4.75 25.85
N GLY C 9 2.82 -5.92 26.16
CA GLY C 9 1.78 -6.50 25.34
C GLY C 9 0.45 -5.78 25.48
N LYS C 10 -0.48 -6.16 24.62
CA LYS C 10 -1.81 -5.57 24.62
C LYS C 10 -2.68 -6.22 25.70
S SO4 D . 12.55 -15.40 -0.23
O1 SO4 D . 12.45 -16.53 0.69
O2 SO4 D . 11.25 -14.71 -0.29
O3 SO4 D . 13.57 -14.47 0.25
O4 SO4 D . 12.91 -15.89 -1.55
S SO4 E . -15.56 24.79 -18.60
O1 SO4 E . -15.94 23.61 -19.32
O2 SO4 E . -16.60 25.14 -17.67
O3 SO4 E . -14.35 24.55 -17.88
O4 SO4 E . -15.36 25.87 -19.52
S SO4 F . 5.46 -1.60 -3.59
O1 SO4 F . 5.53 -1.86 -2.15
O2 SO4 F . 4.27 -2.27 -4.13
O3 SO4 F . 6.66 -2.13 -4.24
O4 SO4 F . 5.36 -0.17 -3.81
S SO4 G . 3.96 -1.17 22.91
O1 SO4 G . 4.06 -2.55 22.45
O2 SO4 G . 3.48 -1.16 24.29
O3 SO4 G . 3.02 -0.44 22.07
O4 SO4 G . 5.27 -0.53 22.84
S SO4 H . -16.03 -12.59 14.98
O1 SO4 H . -15.94 -13.10 16.34
O2 SO4 H . -17.05 -13.35 14.25
O3 SO4 H . -16.40 -11.19 15.01
O4 SO4 H . -14.74 -12.75 14.31
S SO4 I . 24.73 6.73 16.17
O1 SO4 I . 24.83 5.67 15.16
O2 SO4 I . 24.14 6.18 17.39
O3 SO4 I . 23.89 7.81 15.67
O4 SO4 I . 26.06 7.25 16.46
S SO4 J . -0.53 3.78 -1.98
O1 SO4 J . -0.62 2.85 -0.89
O2 SO4 J . -1.78 4.47 -2.12
O3 SO4 J . 0.52 4.73 -1.70
O4 SO4 J . -0.23 3.08 -3.19
C1 PEG K . 0.76 -13.65 1.41
O1 PEG K . -0.63 -13.63 1.35
C2 PEG K . 1.32 -13.84 0.00
O2 PEG K . 2.56 -14.49 0.08
C3 PEG K . 2.47 -15.85 0.40
C4 PEG K . 3.45 -16.64 -0.48
O4 PEG K . 4.70 -16.02 -0.45
S SO4 L . -16.54 -5.39 -0.37
O1 SO4 L . -17.44 -6.44 -0.82
O2 SO4 L . -16.77 -5.12 1.04
O3 SO4 L . -16.80 -4.17 -1.14
O4 SO4 L . -15.17 -5.80 -0.58
S SO4 M . -3.05 -23.80 -13.16
O1 SO4 M . -3.74 -24.64 -12.19
O2 SO4 M . -3.99 -23.38 -14.19
O3 SO4 M . -2.52 -22.61 -12.47
O4 SO4 M . -1.94 -24.54 -13.77
S SO4 N . 8.74 -3.50 -6.80
O1 SO4 N . 8.31 -4.28 -5.63
O2 SO4 N . 7.92 -3.86 -7.95
O3 SO4 N . 8.58 -2.07 -6.52
O4 SO4 N . 10.14 -3.79 -7.08
S SO4 O . 6.85 -13.44 -23.10
O1 SO4 O . 6.87 -14.19 -24.37
O2 SO4 O . 5.46 -13.26 -22.68
O3 SO4 O . 7.48 -12.15 -23.30
O4 SO4 O . 7.57 -14.19 -22.08
S SO4 P . -7.87 -19.12 -0.48
O1 SO4 P . -7.54 -20.54 -0.61
O2 SO4 P . -8.65 -18.92 0.74
O3 SO4 P . -8.68 -18.71 -1.64
O4 SO4 P . -6.65 -18.34 -0.43
S SO4 Q . 12.41 -0.46 -16.70
O1 SO4 Q . 12.17 -1.75 -17.35
O2 SO4 Q . 11.17 0.02 -16.10
O3 SO4 Q . 13.43 -0.62 -15.67
O4 SO4 Q . 12.87 0.50 -17.69
#